data_6Q3V
#
_entry.id   6Q3V
#
_cell.length_a   108.690
_cell.length_b   108.690
_cell.length_c   27.727
_cell.angle_alpha   90.000
_cell.angle_beta   90.000
_cell.angle_gamma   120.000
#
_symmetry.space_group_name_H-M   'P 62'
#
loop_
_entity.id
_entity.type
_entity.pdbx_description
1 polymer 'NEDD4-binding protein 1'
2 water water
#
_entity_poly.entity_id   1
_entity_poly.type   'polypeptide(L)'
_entity_poly.pdbx_seq_one_letter_code
;GSDEFTAPAEKAELLEQSRGRIEGLFGVSLAVLGALGAEEPLPARIWLQLCGAQEAVHSAKEYIKGICEPELEERECYPK
DMHCIFVGAESLFLKSLIQDTCADLCILDIGLLGIRGSAEAVVMARSHIQQFVKLFENKENLPSSQKESEVKREFKQFVE
AHADNYTMDLLILPTSLKKELLTLTQGE
;
_entity_poly.pdbx_strand_id   A
#
# COMPACT_ATOMS: atom_id res chain seq x y z
N GLY A 1 -1.33 2.52 -22.24
CA GLY A 1 -1.55 1.13 -22.60
C GLY A 1 -2.78 0.60 -21.90
N SER A 2 -3.12 -0.66 -22.17
CA SER A 2 -4.26 -1.27 -21.51
C SER A 2 -4.08 -2.76 -21.26
N ASP A 3 -4.76 -3.25 -20.23
CA ASP A 3 -4.72 -4.67 -19.91
C ASP A 3 -6.12 -5.19 -19.63
N GLU A 4 -6.44 -6.36 -20.17
CA GLU A 4 -7.71 -7.02 -19.93
C GLU A 4 -7.50 -8.33 -19.14
N PHE A 5 -8.29 -8.53 -18.10
CA PHE A 5 -8.20 -9.74 -17.29
C PHE A 5 -9.54 -9.99 -16.61
N THR A 6 -9.71 -11.15 -15.98
CA THR A 6 -10.99 -11.45 -15.38
C THR A 6 -10.98 -11.42 -13.85
N ALA A 7 -12.18 -11.28 -13.30
CA ALA A 7 -12.43 -11.41 -11.86
C ALA A 7 -13.67 -12.27 -11.72
N PRO A 8 -13.87 -12.90 -10.55
CA PRO A 8 -15.13 -13.62 -10.33
C PRO A 8 -16.29 -12.65 -10.51
N ALA A 9 -17.34 -13.09 -11.19
CA ALA A 9 -18.47 -12.20 -11.48
C ALA A 9 -19.01 -11.53 -10.20
N GLU A 10 -19.04 -12.28 -9.11
CA GLU A 10 -19.59 -11.80 -7.84
C GLU A 10 -18.89 -10.52 -7.35
N LYS A 11 -17.64 -10.31 -7.74
CA LYS A 11 -16.89 -9.11 -7.33
C LYS A 11 -17.22 -7.87 -8.16
N ALA A 12 -18.27 -7.95 -8.97
CA ALA A 12 -18.65 -6.80 -9.79
C ALA A 12 -18.95 -5.57 -8.92
N GLU A 13 -19.73 -5.74 -7.86
CA GLU A 13 -20.11 -4.60 -7.02
CA GLU A 13 -20.10 -4.61 -7.01
C GLU A 13 -18.87 -4.00 -6.34
N LEU A 14 -18.00 -4.87 -5.84
CA LEU A 14 -16.75 -4.41 -5.22
C LEU A 14 -15.96 -3.52 -6.17
N LEU A 15 -15.74 -4.01 -7.38
CA LEU A 15 -14.92 -3.28 -8.35
C LEU A 15 -15.60 -1.98 -8.76
N GLU A 16 -16.92 -2.01 -8.94
CA GLU A 16 -17.66 -0.79 -9.28
C GLU A 16 -17.52 0.26 -8.17
N GLN A 17 -17.62 -0.18 -6.92
CA GLN A 17 -17.50 0.73 -5.79
C GLN A 17 -16.07 1.25 -5.62
N SER A 18 -15.10 0.46 -6.03
CA SER A 18 -13.70 0.77 -5.74
C SER A 18 -12.96 1.45 -6.89
N ARG A 19 -13.67 1.77 -7.97
CA ARG A 19 -13.02 2.39 -9.13
C ARG A 19 -12.25 3.64 -8.71
N GLY A 20 -12.90 4.51 -7.96
CA GLY A 20 -12.30 5.76 -7.52
C GLY A 20 -11.04 5.50 -6.73
N ARG A 21 -11.12 4.56 -5.80
CA ARG A 21 -9.99 4.26 -4.95
C ARG A 21 -8.81 3.75 -5.75
N ILE A 22 -9.10 2.85 -6.69
CA ILE A 22 -8.08 2.22 -7.47
C ILE A 22 -7.41 3.23 -8.39
N GLU A 23 -8.18 4.16 -8.96
CA GLU A 23 -7.59 5.22 -9.77
C GLU A 23 -6.72 6.12 -8.91
N GLY A 24 -7.21 6.44 -7.73
CA GLY A 24 -6.49 7.32 -6.82
C GLY A 24 -5.19 6.69 -6.35
N LEU A 25 -5.21 5.37 -6.17
CA LEU A 25 -4.02 4.66 -5.72
C LEU A 25 -2.98 4.49 -6.81
N PHE A 26 -3.43 4.16 -8.02
CA PHE A 26 -2.50 3.79 -9.07
C PHE A 26 -2.50 4.70 -10.29
N GLY A 27 -3.47 5.61 -10.38
CA GLY A 27 -3.48 6.55 -11.50
C GLY A 27 -3.92 5.87 -12.78
N VAL A 28 -4.83 4.93 -12.65
CA VAL A 28 -5.35 4.18 -13.81
C VAL A 28 -6.86 4.35 -13.95
N SER A 29 -7.42 3.93 -15.08
CA SER A 29 -8.87 3.92 -15.21
C SER A 29 -9.32 2.46 -15.29
N LEU A 30 -10.42 2.16 -14.61
CA LEU A 30 -10.94 0.80 -14.53
C LEU A 30 -12.36 0.72 -15.04
N ALA A 31 -12.61 -0.25 -15.92
CA ALA A 31 -13.96 -0.47 -16.42
C ALA A 31 -14.28 -1.96 -16.42
N VAL A 32 -15.54 -2.27 -16.17
CA VAL A 32 -16.04 -3.64 -16.28
C VAL A 32 -16.69 -3.82 -17.64
N LEU A 33 -16.26 -4.84 -18.38
CA LEU A 33 -16.71 -5.02 -19.76
C LEU A 33 -17.98 -5.87 -19.83
N GLY A 34 -18.67 -5.79 -20.97
CA GLY A 34 -19.93 -6.48 -21.15
C GLY A 34 -19.80 -7.98 -21.33
N ALA A 35 -20.93 -8.61 -21.61
CA ALA A 35 -20.95 -10.04 -21.90
C ALA A 35 -21.96 -10.27 -23.00
N LEU A 36 -21.46 -10.39 -24.21
CA LEU A 36 -22.33 -10.47 -25.39
C LEU A 36 -22.43 -11.90 -25.87
N GLY A 37 -23.37 -12.16 -26.78
CA GLY A 37 -23.52 -13.46 -27.38
C GLY A 37 -24.60 -14.31 -26.74
N ALA A 38 -25.67 -13.66 -26.28
CA ALA A 38 -26.86 -14.33 -25.75
C ALA A 38 -26.61 -15.21 -24.53
N GLU A 39 -25.54 -16.00 -24.57
CA GLU A 39 -25.28 -17.01 -23.56
C GLU A 39 -24.21 -16.61 -22.55
N GLU A 40 -24.53 -16.80 -21.28
CA GLU A 40 -23.59 -16.65 -20.18
C GLU A 40 -22.48 -17.69 -20.28
N PRO A 41 -21.21 -17.29 -20.10
CA PRO A 41 -20.14 -18.29 -20.27
C PRO A 41 -19.83 -19.11 -19.03
N LEU A 42 -19.25 -20.29 -19.24
CA LEU A 42 -19.15 -21.32 -18.19
C LEU A 42 -18.50 -20.82 -16.89
N PRO A 43 -17.32 -20.17 -16.96
CA PRO A 43 -16.68 -19.83 -15.68
C PRO A 43 -17.43 -18.79 -14.82
N ALA A 44 -18.35 -18.03 -15.40
CA ALA A 44 -19.04 -16.94 -14.71
C ALA A 44 -18.05 -15.90 -14.18
N ARG A 45 -17.21 -15.39 -15.07
CA ARG A 45 -16.28 -14.36 -14.68
C ARG A 45 -16.52 -13.11 -15.50
N ILE A 46 -16.24 -11.95 -14.90
CA ILE A 46 -16.38 -10.69 -15.60
C ILE A 46 -15.01 -10.24 -16.08
N TRP A 47 -15.00 -9.58 -17.23
CA TRP A 47 -13.76 -9.05 -17.77
C TRP A 47 -13.58 -7.58 -17.39
N LEU A 48 -12.36 -7.25 -16.99
CA LEU A 48 -11.98 -5.90 -16.60
C LEU A 48 -11.02 -5.32 -17.62
N GLN A 49 -11.10 -4.02 -17.85
CA GLN A 49 -10.13 -3.33 -18.68
C GLN A 49 -9.46 -2.21 -17.89
N LEU A 50 -8.13 -2.23 -17.86
N LEU A 50 -8.14 -2.29 -17.76
CA LEU A 50 -7.34 -1.27 -17.10
CA LEU A 50 -7.37 -1.24 -17.10
C LEU A 50 -6.49 -0.39 -18.02
C LEU A 50 -6.66 -0.40 -18.14
N CYS A 51 -6.71 0.92 -17.99
CA CYS A 51 -5.99 1.81 -18.88
C CYS A 51 -5.09 2.78 -18.12
N GLY A 52 -3.94 3.09 -18.70
CA GLY A 52 -2.99 4.01 -18.10
C GLY A 52 -1.56 3.62 -18.43
N ALA A 53 -0.60 4.22 -17.73
CA ALA A 53 0.81 3.90 -17.96
C ALA A 53 1.06 2.42 -17.64
N GLN A 54 2.00 1.83 -18.37
CA GLN A 54 2.23 0.38 -18.31
C GLN A 54 2.48 -0.13 -16.88
N GLU A 55 3.43 0.46 -16.18
CA GLU A 55 3.75 -0.08 -14.87
C GLU A 55 2.63 0.21 -13.88
N ALA A 56 1.94 1.34 -14.06
CA ALA A 56 0.80 1.65 -13.21
C ALA A 56 -0.32 0.62 -13.42
N VAL A 57 -0.57 0.26 -14.67
CA VAL A 57 -1.59 -0.73 -14.96
C VAL A 57 -1.19 -2.09 -14.39
N HIS A 58 0.10 -2.42 -14.47
CA HIS A 58 0.58 -3.69 -13.92
C HIS A 58 0.36 -3.76 -12.41
N SER A 59 0.72 -2.68 -11.71
CA SER A 59 0.53 -2.61 -10.27
C SER A 59 -0.96 -2.73 -9.89
N ALA A 60 -1.82 -1.99 -10.59
CA ALA A 60 -3.24 -2.01 -10.30
C ALA A 60 -3.87 -3.39 -10.54
N LYS A 61 -3.46 -4.06 -11.61
CA LYS A 61 -3.95 -5.40 -11.91
C LYS A 61 -3.61 -6.34 -10.77
N GLU A 62 -2.36 -6.28 -10.31
CA GLU A 62 -1.91 -7.10 -9.21
C GLU A 62 -2.72 -6.82 -7.95
N TYR A 63 -3.03 -5.55 -7.69
CA TYR A 63 -3.83 -5.19 -6.53
C TYR A 63 -5.28 -5.69 -6.68
N ILE A 64 -5.88 -5.43 -7.83
CA ILE A 64 -7.26 -5.88 -8.06
C ILE A 64 -7.38 -7.40 -7.94
N LYS A 65 -6.48 -8.13 -8.58
CA LYS A 65 -6.49 -9.60 -8.45
C LYS A 65 -6.33 -10.02 -6.98
N GLY A 66 -5.47 -9.30 -6.26
CA GLY A 66 -5.24 -9.56 -4.85
C GLY A 66 -6.49 -9.40 -4.01
N ILE A 67 -7.26 -8.33 -4.24
CA ILE A 67 -8.40 -8.12 -3.35
C ILE A 67 -9.61 -8.96 -3.80
N CYS A 68 -9.65 -9.35 -5.07
CA CYS A 68 -10.73 -10.20 -5.56
C CYS A 68 -10.50 -11.66 -5.21
N GLU A 69 -9.28 -12.13 -5.44
CA GLU A 69 -8.92 -13.53 -5.22
C GLU A 69 -7.55 -13.63 -4.56
N PRO A 70 -7.46 -13.24 -3.27
CA PRO A 70 -6.17 -13.25 -2.58
C PRO A 70 -5.56 -14.65 -2.52
N GLU A 71 -4.24 -14.70 -2.64
CA GLU A 71 -3.54 -15.99 -2.52
C GLU A 71 -3.01 -16.21 -1.11
N LEU A 72 -2.84 -15.10 -0.39
CA LEU A 72 -2.38 -15.12 1.01
C LEU A 72 -3.15 -14.12 1.85
N GLU A 73 -3.42 -14.47 3.11
CA GLU A 73 -3.88 -13.53 4.12
C GLU A 73 -3.02 -13.76 5.36
N GLU A 74 -2.25 -12.74 5.76
CA GLU A 74 -1.33 -12.90 6.89
C GLU A 74 -1.45 -11.73 7.86
N ARG A 75 -0.86 -11.91 9.04
CA ARG A 75 -0.72 -10.83 10.01
C ARG A 75 0.70 -10.29 10.00
N GLU A 76 0.87 -9.07 10.50
CA GLU A 76 2.20 -8.59 10.84
C GLU A 76 2.15 -7.85 12.18
N CYS A 77 2.94 -8.31 13.15
CA CYS A 77 3.07 -7.61 14.42
C CYS A 77 4.22 -6.60 14.35
N TYR A 78 4.06 -5.46 15.03
CA TYR A 78 5.10 -4.44 15.08
C TYR A 78 4.99 -3.75 16.43
N PRO A 79 6.11 -3.17 16.91
CA PRO A 79 6.09 -2.48 18.21
C PRO A 79 5.05 -1.36 18.27
N LYS A 80 4.43 -1.15 19.42
CA LYS A 80 3.35 -0.18 19.57
C LYS A 80 3.77 1.24 19.17
N ASP A 81 5.02 1.61 19.45
CA ASP A 81 5.50 2.96 19.17
C ASP A 81 5.73 3.21 17.68
N MET A 82 5.62 2.15 16.88
CA MET A 82 5.74 2.26 15.44
C MET A 82 4.40 2.47 14.77
N HIS A 83 3.34 2.39 15.56
CA HIS A 83 1.97 2.50 15.05
C HIS A 83 1.72 3.79 14.28
N CYS A 84 2.38 4.87 14.72
CA CYS A 84 2.27 6.17 14.07
C CYS A 84 2.58 6.10 12.56
N ILE A 85 3.44 5.15 12.19
CA ILE A 85 3.80 5.00 10.79
C ILE A 85 2.59 4.62 9.95
N PHE A 86 1.67 3.88 10.55
CA PHE A 86 0.59 3.29 9.77
C PHE A 86 -0.73 4.06 9.85
N VAL A 87 -0.88 4.89 10.88
CA VAL A 87 -2.10 5.69 11.03
C VAL A 87 -1.81 7.19 10.99
N GLY A 88 -0.53 7.54 11.04
CA GLY A 88 -0.14 8.94 11.07
C GLY A 88 0.02 9.53 9.68
N ALA A 89 0.21 10.84 9.64
CA ALA A 89 0.44 11.57 8.40
C ALA A 89 -0.67 11.31 7.40
N GLU A 90 -1.91 11.33 7.88
CA GLU A 90 -3.09 11.11 7.05
C GLU A 90 -3.00 9.82 6.25
N SER A 91 -2.43 8.79 6.89
CA SER A 91 -2.29 7.46 6.29
C SER A 91 -1.43 7.40 5.05
N LEU A 92 -0.60 8.42 4.81
CA LEU A 92 0.12 8.49 3.55
C LEU A 92 1.25 7.46 3.44
N PHE A 93 1.86 7.08 4.58
CA PHE A 93 2.88 6.03 4.55
C PHE A 93 2.24 4.67 4.24
N LEU A 94 1.07 4.43 4.82
CA LEU A 94 0.34 3.17 4.56
C LEU A 94 -0.07 3.12 3.10
N LYS A 95 -0.59 4.24 2.60
CA LYS A 95 -0.97 4.35 1.19
C LYS A 95 0.21 4.09 0.25
N SER A 96 1.38 4.61 0.61
CA SER A 96 2.56 4.41 -0.24
C SER A 96 2.96 2.93 -0.24
N LEU A 97 2.81 2.29 0.90
CA LEU A 97 3.18 0.89 1.03
CA LEU A 97 3.16 0.88 1.05
C LEU A 97 2.24 0.03 0.19
N ILE A 98 0.96 0.39 0.18
CA ILE A 98 0.00 -0.32 -0.67
C ILE A 98 0.34 -0.11 -2.14
N GLN A 99 0.63 1.14 -2.51
CA GLN A 99 1.01 1.45 -3.88
C GLN A 99 2.26 0.70 -4.29
N ASP A 100 3.22 0.60 -3.37
CA ASP A 100 4.52 0.00 -3.68
C ASP A 100 4.47 -1.52 -3.77
N THR A 101 3.71 -2.16 -2.89
CA THR A 101 3.69 -3.63 -2.81
C THR A 101 2.53 -4.26 -3.55
N CYS A 102 1.48 -3.48 -3.80
CA CYS A 102 0.22 -3.97 -4.38
C CYS A 102 -0.51 -4.93 -3.45
N ALA A 103 -0.13 -4.92 -2.18
CA ALA A 103 -0.88 -5.68 -1.17
C ALA A 103 -1.91 -4.80 -0.49
N ASP A 104 -3.02 -5.43 -0.08
CA ASP A 104 -4.07 -4.77 0.67
C ASP A 104 -3.69 -4.79 2.15
N LEU A 105 -3.49 -3.61 2.75
CA LEU A 105 -3.02 -3.54 4.14
C LEU A 105 -4.09 -2.96 5.04
N CYS A 106 -4.39 -3.66 6.13
CA CYS A 106 -5.47 -3.27 7.03
CA CYS A 106 -5.48 -3.27 7.02
C CYS A 106 -5.00 -3.13 8.46
N ILE A 107 -5.31 -2.00 9.10
CA ILE A 107 -4.97 -1.79 10.50
C ILE A 107 -5.94 -2.53 11.41
N LEU A 108 -5.47 -3.59 12.04
CA LEU A 108 -6.35 -4.42 12.85
C LEU A 108 -6.40 -4.03 14.33
N ASP A 109 -5.29 -3.53 14.84
CA ASP A 109 -5.15 -3.14 16.24
C ASP A 109 -3.81 -2.42 16.37
N ILE A 110 -3.57 -1.76 17.49
CA ILE A 110 -2.26 -1.14 17.72
C ILE A 110 -1.20 -2.24 17.78
N GLY A 111 -0.29 -2.24 16.80
CA GLY A 111 0.75 -3.25 16.74
C GLY A 111 0.40 -4.42 15.83
N LEU A 112 -0.70 -4.32 15.10
CA LEU A 112 -1.12 -5.46 14.28
C LEU A 112 -1.73 -5.05 12.94
N LEU A 113 -1.09 -5.51 11.87
CA LEU A 113 -1.56 -5.30 10.51
C LEU A 113 -2.02 -6.61 9.88
N GLY A 114 -3.06 -6.53 9.06
CA GLY A 114 -3.50 -7.64 8.25
C GLY A 114 -3.06 -7.38 6.83
N ILE A 115 -2.47 -8.39 6.20
CA ILE A 115 -1.93 -8.22 4.85
C ILE A 115 -2.53 -9.27 3.92
N ARG A 116 -3.14 -8.85 2.82
CA ARG A 116 -3.73 -9.82 1.91
C ARG A 116 -3.57 -9.40 0.46
N GLY A 117 -3.68 -10.37 -0.44
CA GLY A 117 -3.50 -10.10 -1.85
C GLY A 117 -2.79 -11.25 -2.52
N SER A 118 -2.07 -10.97 -3.60
CA SER A 118 -1.31 -12.01 -4.28
C SER A 118 -0.18 -12.42 -3.37
N ALA A 119 0.26 -13.68 -3.49
CA ALA A 119 1.29 -14.20 -2.60
C ALA A 119 2.54 -13.32 -2.62
N GLU A 120 2.97 -12.92 -3.82
CA GLU A 120 4.20 -12.16 -3.92
C GLU A 120 4.06 -10.76 -3.31
N ALA A 121 2.89 -10.14 -3.48
CA ALA A 121 2.64 -8.83 -2.89
C ALA A 121 2.66 -8.91 -1.37
N VAL A 122 2.06 -9.97 -0.83
CA VAL A 122 2.00 -10.16 0.61
C VAL A 122 3.41 -10.43 1.15
N VAL A 123 4.15 -11.28 0.47
CA VAL A 123 5.52 -11.62 0.89
C VAL A 123 6.39 -10.36 0.92
N MET A 124 6.29 -9.54 -0.13
CA MET A 124 7.03 -8.29 -0.23
C MET A 124 6.66 -7.32 0.88
N ALA A 125 5.35 -7.18 1.13
CA ALA A 125 4.88 -6.23 2.12
C ALA A 125 5.37 -6.61 3.51
N ARG A 126 5.29 -7.91 3.84
CA ARG A 126 5.75 -8.37 5.15
C ARG A 126 7.24 -8.12 5.32
N SER A 127 8.00 -8.42 4.27
CA SER A 127 9.44 -8.20 4.30
C SER A 127 9.75 -6.72 4.55
N HIS A 128 9.02 -5.82 3.89
CA HIS A 128 9.25 -4.38 4.08
C HIS A 128 8.94 -3.93 5.50
N ILE A 129 7.84 -4.43 6.06
CA ILE A 129 7.47 -4.05 7.42
C ILE A 129 8.46 -4.59 8.46
N GLN A 130 8.86 -5.85 8.33
CA GLN A 130 9.89 -6.41 9.22
C GLN A 130 11.17 -5.60 9.14
N GLN A 131 11.48 -5.09 7.95
CA GLN A 131 12.65 -4.25 7.75
C GLN A 131 12.50 -2.90 8.47
N PHE A 132 11.29 -2.33 8.43
CA PHE A 132 11.02 -1.10 9.20
C PHE A 132 11.25 -1.37 10.69
N VAL A 133 10.73 -2.50 11.16
CA VAL A 133 10.84 -2.86 12.56
C VAL A 133 12.30 -3.02 12.97
N LYS A 134 13.10 -3.62 12.11
CA LYS A 134 14.52 -3.79 12.37
C LYS A 134 15.20 -2.43 12.57
N LEU A 135 14.90 -1.48 11.70
CA LEU A 135 15.44 -0.12 11.81
C LEU A 135 15.00 0.56 13.09
N PHE A 136 13.72 0.39 13.43
CA PHE A 136 13.17 0.97 14.64
C PHE A 136 13.81 0.42 15.92
N GLU A 137 14.08 -0.88 15.94
CA GLU A 137 14.54 -1.54 17.17
CA GLU A 137 14.54 -1.55 17.16
C GLU A 137 16.00 -1.27 17.50
N ASN A 138 16.92 -1.59 16.59
CA ASN A 138 18.32 -1.31 16.88
C ASN A 138 18.65 0.13 16.57
N LYS A 139 18.14 1.00 17.44
CA LYS A 139 18.43 2.42 17.42
C LYS A 139 19.18 2.80 18.68
N GLU A 140 20.32 3.46 18.51
CA GLU A 140 21.11 3.96 19.63
C GLU A 140 21.66 5.33 19.28
N ASN A 141 22.33 5.97 20.24
CA ASN A 141 22.97 7.26 20.00
C ASN A 141 24.07 7.12 18.95
N LEU A 142 23.95 7.93 17.91
CA LEU A 142 24.83 7.81 16.77
C LEU A 142 25.37 9.17 16.30
N PRO A 143 26.49 9.15 15.55
CA PRO A 143 27.14 10.29 14.89
C PRO A 143 26.17 11.34 14.36
N SER A 144 26.55 12.59 14.52
CA SER A 144 25.85 13.69 13.88
C SER A 144 26.44 13.89 12.49
N SER A 145 25.62 14.34 11.55
CA SER A 145 26.11 14.62 10.21
C SER A 145 25.18 15.61 9.55
N GLN A 146 25.69 16.32 8.56
CA GLN A 146 24.85 17.20 7.76
C GLN A 146 23.76 16.37 7.07
N LYS A 147 24.14 15.24 6.46
CA LYS A 147 23.20 14.34 5.80
C LYS A 147 22.02 13.92 6.70
N GLU A 148 22.30 13.72 7.98
CA GLU A 148 21.27 13.37 8.95
C GLU A 148 20.30 14.54 9.14
N SER A 149 20.84 15.75 9.20
CA SER A 149 20.01 16.93 9.41
C SER A 149 19.10 17.18 8.21
N GLU A 150 19.58 16.91 7.01
CA GLU A 150 18.75 17.15 5.83
C GLU A 150 17.56 16.17 5.77
N VAL A 151 17.80 14.92 6.14
CA VAL A 151 16.73 13.91 6.20
C VAL A 151 15.71 14.28 7.29
N LYS A 152 16.19 14.66 8.47
CA LYS A 152 15.30 15.07 9.55
C LYS A 152 14.46 16.29 9.16
N ARG A 153 15.07 17.27 8.50
CA ARG A 153 14.34 18.46 8.05
C ARG A 153 13.28 18.11 7.01
N GLU A 154 13.66 17.26 6.06
CA GLU A 154 12.75 16.86 4.99
C GLU A 154 11.58 16.04 5.56
N PHE A 155 11.90 15.13 6.46
CA PHE A 155 10.88 14.32 7.10
C PHE A 155 9.93 15.20 7.92
N LYS A 156 10.50 16.14 8.67
CA LYS A 156 9.67 17.00 9.51
C LYS A 156 8.73 17.85 8.66
N GLN A 157 9.23 18.42 7.57
CA GLN A 157 8.36 19.21 6.69
C GLN A 157 7.19 18.38 6.17
N PHE A 158 7.47 17.15 5.73
CA PHE A 158 6.41 16.27 5.23
C PHE A 158 5.34 15.99 6.29
N VAL A 159 5.78 15.54 7.46
CA VAL A 159 4.86 15.18 8.53
C VAL A 159 4.13 16.39 9.10
N GLU A 160 4.80 17.54 9.16
CA GLU A 160 4.13 18.75 9.63
C GLU A 160 3.08 19.24 8.62
N ALA A 161 3.24 18.86 7.36
CA ALA A 161 2.25 19.19 6.33
C ALA A 161 1.02 18.32 6.48
N HIS A 162 1.11 17.30 7.34
CA HIS A 162 0.00 16.38 7.56
C HIS A 162 -0.15 16.12 9.06
N ALA A 163 -0.21 17.20 9.83
CA ALA A 163 -0.10 17.12 11.28
C ALA A 163 -1.32 16.50 11.96
N ASP A 164 -1.07 15.60 12.91
CA ASP A 164 -2.12 14.98 13.69
C ASP A 164 -1.58 14.61 15.07
N ASN A 165 -2.26 13.67 15.75
CA ASN A 165 -1.84 13.24 17.08
C ASN A 165 -0.63 12.32 17.08
N TYR A 166 -0.14 11.98 15.88
CA TYR A 166 0.96 11.04 15.78
C TYR A 166 2.23 11.73 15.33
N THR A 167 2.14 13.03 15.07
CA THR A 167 3.26 13.81 14.56
C THR A 167 4.48 13.73 15.49
N MET A 168 4.28 13.89 16.80
CA MET A 168 5.41 13.81 17.73
C MET A 168 6.01 12.41 17.77
N ASP A 169 5.17 11.38 17.70
CA ASP A 169 5.67 10.00 17.67
C ASP A 169 6.51 9.74 16.40
N LEU A 170 6.12 10.37 15.29
CA LEU A 170 6.86 10.19 14.06
C LEU A 170 8.20 10.90 14.14
N LEU A 171 8.22 12.07 14.75
CA LEU A 171 9.42 12.90 14.79
C LEU A 171 10.53 12.26 15.64
N ILE A 172 10.18 11.32 16.52
CA ILE A 172 11.21 10.68 17.34
C ILE A 172 11.67 9.34 16.78
N LEU A 173 11.15 8.98 15.60
CA LEU A 173 11.62 7.79 14.91
C LEU A 173 13.10 7.94 14.57
N PRO A 174 13.83 6.81 14.53
CA PRO A 174 15.23 6.80 14.09
C PRO A 174 15.39 7.39 12.70
N THR A 175 16.50 8.08 12.45
CA THR A 175 16.68 8.77 11.18
C THR A 175 16.76 7.79 10.00
N SER A 176 17.33 6.61 10.24
CA SER A 176 17.38 5.57 9.21
C SER A 176 15.96 5.23 8.73
N LEU A 177 15.03 5.13 9.67
CA LEU A 177 13.64 4.81 9.34
C LEU A 177 12.96 5.99 8.62
N LYS A 178 13.27 7.20 9.07
CA LYS A 178 12.78 8.39 8.39
C LYS A 178 13.21 8.37 6.93
N LYS A 179 14.48 8.03 6.69
CA LYS A 179 14.98 8.01 5.31
C LYS A 179 14.19 6.99 4.47
N GLU A 180 13.98 5.79 4.99
CA GLU A 180 13.26 4.78 4.21
C GLU A 180 11.81 5.20 3.98
N LEU A 181 11.22 5.91 4.95
CA LEU A 181 9.85 6.37 4.78
C LEU A 181 9.77 7.46 3.71
N LEU A 182 10.78 8.32 3.64
CA LEU A 182 10.81 9.35 2.58
C LEU A 182 10.96 8.68 1.23
N THR A 183 11.87 7.72 1.14
CA THR A 183 12.09 6.97 -0.09
C THR A 183 10.79 6.34 -0.58
N LEU A 184 10.05 5.76 0.37
CA LEU A 184 8.77 5.12 0.09
C LEU A 184 7.74 6.09 -0.45
N THR A 185 7.60 7.26 0.17
CA THR A 185 6.54 8.17 -0.26
C THR A 185 6.92 8.90 -1.55
N GLN A 186 8.20 9.25 -1.68
CA GLN A 186 8.66 10.01 -2.85
C GLN A 186 8.79 9.12 -4.07
N GLY A 187 8.90 7.82 -3.85
CA GLY A 187 8.90 6.87 -4.93
C GLY A 187 7.50 6.64 -5.49
N GLU A 188 6.50 7.26 -4.85
CA GLU A 188 5.11 7.08 -5.23
C GLU A 188 4.43 8.42 -5.53
#